data_4DWP
#
_entry.id   4DWP
#
_cell.length_a   117.851
_cell.length_b   119.766
_cell.length_c   65.984
_cell.angle_alpha   90.00
_cell.angle_beta   108.63
_cell.angle_gamma   90.00
#
_symmetry.space_group_name_H-M   'C 1 2 1'
#
loop_
_entity.id
_entity.type
_entity.pdbx_description
1 polymer Protelomerase
2 polymer "DNA (5'-D(*TP*TP*AP*CP*AP*AP*TP*AP*AP*CP*AP*AP*TP*AP*T)-3')"
3 polymer "DNA (5'-D(*CP*AP*TP*GP*AP*TP*AP*TP*TP*GP*TP*TP*AP*TP*TP*GP*TP*AP*A)-3')"
4 non-polymer "THYMIDINE-5'-PHOSPHATE"
5 water water
#
loop_
_entity_poly.entity_id
_entity_poly.type
_entity_poly.pdbx_seq_one_letter_code
_entity_poly.pdbx_strand_id
1 'polypeptide(L)'
;(MSE)GSSHHHHHHSSGLVPRGSH(MSE)LAAKRKTKTPVLVERIDQFVGQIKEA(MSE)KSDDASRNRKIRDLWDAEVR
YHFDNGRTEKTLELYI(MSE)KYRNALKAEFGPKSTPLAICN(MSE)KKLRERLNTYIARGDYPKTGVATSIVEKIERAE
FNTAGRKPTVLLRIADFIAA(MSE)NG(MSE)DAKQD(MSE)QALWDAEIAI(MSE)NGRAQTTIISYITKYRNAIREAF
GDDHP(MSE)LKIATGDAA(MSE)YDEARRVK(MSE)EKIANKHGALITFENYRQVLKICEDCLKSSDPL(MSE)IGIGL
IG(MSE)TGRRPYEVFTQAEFSPAPYGKGVSKWSILFNGQAKTKQGEGTKFGITYEIPVLTRSETVLAAYKRLRESGQGK
LWHG(MSE)SIDDFSSETRLLLRDTVFNLFEDVWPKEELPKPYGLRHLYAEVAYHNFAPPHVTKNSYFAAILGHNNNDLE
TSLS(PTR)(MSE)TYTLPEDRDNALARLKRTNERTLQQ(MSE)ATIAPVSRKG
;
A
2 'polydeoxyribonucleotide' (DT)(DT)(DA)(DC)(DA)(DA)(DT)(DA)(DA)(DC)(DA)(DA)(DT)(DA)(DT) C
3 'polydeoxyribonucleotide' (DC)(DA)(DT)(DG)(DA)(DT)(DA)(DT)(DT)(DG)(DT)(DT)(DA)(DT)(DT)(DG)(DT)(DA)(DA) D
#
loop_
_chem_comp.id
_chem_comp.type
_chem_comp.name
_chem_comp.formula
DA DNA linking 2'-DEOXYADENOSINE-5'-MONOPHOSPHATE 'C10 H14 N5 O6 P'
DC DNA linking 2'-DEOXYCYTIDINE-5'-MONOPHOSPHATE 'C9 H14 N3 O7 P'
DG DNA linking 2'-DEOXYGUANOSINE-5'-MONOPHOSPHATE 'C10 H14 N5 O7 P'
DT DNA linking THYMIDINE-5'-MONOPHOSPHATE 'C10 H15 N2 O8 P'
TMP non-polymer THYMIDINE-5'-PHOSPHATE 'C10 H15 N2 O8 P'
#
# COMPACT_ATOMS: atom_id res chain seq x y z
N TYR A 123 31.73 -13.76 -8.12
CA TYR A 123 30.69 -13.07 -7.36
C TYR A 123 31.15 -12.73 -5.94
N PRO A 124 30.61 -11.62 -5.38
CA PRO A 124 30.93 -11.19 -4.00
C PRO A 124 30.64 -12.28 -2.97
N LYS A 125 31.62 -12.55 -2.11
CA LYS A 125 31.47 -13.53 -1.04
C LYS A 125 31.46 -12.80 0.29
N THR A 126 31.41 -11.48 0.20
CA THR A 126 31.38 -10.62 1.38
C THR A 126 30.53 -9.36 1.17
N GLY A 127 29.96 -8.87 2.27
CA GLY A 127 29.14 -7.67 2.26
C GLY A 127 28.30 -7.60 3.53
N VAL A 128 27.55 -6.52 3.68
CA VAL A 128 26.73 -6.29 4.86
C VAL A 128 25.38 -5.74 4.43
N ALA A 129 24.30 -6.13 5.12
CA ALA A 129 23.01 -5.52 4.83
C ALA A 129 22.86 -4.29 5.70
N THR A 130 23.34 -3.17 5.18
CA THR A 130 23.43 -1.92 5.93
C THR A 130 22.14 -1.51 6.67
N SER A 131 21.01 -1.43 5.95
CA SER A 131 19.76 -1.02 6.57
C SER A 131 19.39 -1.85 7.80
N ILE A 132 19.62 -3.16 7.75
CA ILE A 132 19.31 -4.01 8.88
C ILE A 132 20.12 -3.64 10.12
N VAL A 133 21.43 -3.48 9.94
CA VAL A 133 22.30 -3.19 11.07
C VAL A 133 22.05 -1.78 11.60
N GLU A 134 21.72 -0.83 10.70
CA GLU A 134 21.34 0.50 11.15
C GLU A 134 20.09 0.40 12.02
N LYS A 135 19.12 -0.40 11.59
CA LYS A 135 17.94 -0.63 12.42
C LYS A 135 18.28 -1.19 13.79
N ILE A 136 19.18 -2.18 13.82
CA ILE A 136 19.59 -2.79 15.08
C ILE A 136 20.28 -1.79 16.01
N GLU A 137 21.14 -0.98 15.41
CA GLU A 137 21.93 0.02 16.14
C GLU A 137 21.03 1.13 16.68
N ARG A 138 19.98 1.47 15.94
CA ARG A 138 18.98 2.41 16.47
C ARG A 138 18.18 1.74 17.60
N ALA A 139 17.98 0.43 17.48
CA ALA A 139 17.27 -0.30 18.54
C ALA A 139 18.11 -0.43 19.81
N GLU A 140 19.42 -0.25 19.68
CA GLU A 140 20.32 -0.35 20.84
C GLU A 140 19.98 0.64 21.96
N PHE A 141 19.25 1.70 21.61
CA PHE A 141 18.98 2.76 22.57
C PHE A 141 17.50 2.93 22.89
N ASN A 142 16.73 1.86 22.66
CA ASN A 142 15.34 1.89 23.08
C ASN A 142 15.26 1.77 24.58
N THR A 143 14.13 2.19 25.15
CA THR A 143 13.90 2.14 26.58
C THR A 143 12.51 1.57 26.78
N ALA A 144 12.07 0.84 25.75
CA ALA A 144 10.73 0.28 25.69
C ALA A 144 10.62 -0.61 24.46
N GLY A 145 9.74 -1.60 24.53
CA GLY A 145 9.39 -2.41 23.38
C GLY A 145 10.14 -3.71 23.16
N ARG A 146 9.50 -4.58 22.38
CA ARG A 146 10.07 -5.84 21.89
C ARG A 146 11.53 -5.77 21.47
N LYS A 147 12.22 -6.90 21.64
CA LYS A 147 13.58 -7.03 21.15
C LYS A 147 13.53 -7.41 19.67
N PRO A 148 14.45 -6.85 18.87
CA PRO A 148 14.45 -7.07 17.41
C PRO A 148 15.02 -8.42 17.01
N THR A 149 14.45 -9.48 17.54
CA THR A 149 14.89 -10.85 17.29
C THR A 149 15.10 -11.15 15.80
N VAL A 150 14.10 -10.86 14.99
CA VAL A 150 14.14 -11.15 13.56
C VAL A 150 15.30 -10.45 12.85
N LEU A 151 15.37 -9.13 13.01
CA LEU A 151 16.44 -8.35 12.37
C LEU A 151 17.79 -8.89 12.79
N LEU A 152 17.85 -9.34 14.04
CA LEU A 152 19.08 -9.92 14.58
C LEU A 152 19.44 -11.18 13.83
N ARG A 153 18.50 -12.13 13.74
CA ARG A 153 18.73 -13.38 13.03
C ARG A 153 19.15 -13.11 11.59
N ILE A 154 18.58 -12.10 10.99
CA ILE A 154 18.93 -11.76 9.61
C ILE A 154 20.37 -11.23 9.52
N ALA A 155 20.74 -10.38 10.47
CA ALA A 155 22.12 -9.87 10.54
C ALA A 155 23.17 -10.97 10.74
N ASP A 156 22.88 -11.87 11.68
CA ASP A 156 23.76 -13.02 11.92
C ASP A 156 23.86 -13.85 10.67
N PHE A 157 22.71 -14.09 10.03
CA PHE A 157 22.66 -14.90 8.83
C PHE A 157 23.61 -14.31 7.76
N ILE A 158 23.40 -13.04 7.45
CA ILE A 158 24.25 -12.35 6.48
C ILE A 158 25.74 -12.41 6.85
N ALA A 159 26.02 -12.32 8.15
CA ALA A 159 27.41 -12.35 8.57
C ALA A 159 28.03 -13.74 8.36
N ALA A 160 27.34 -14.76 8.85
CA ALA A 160 27.73 -16.15 8.65
C ALA A 160 27.98 -16.44 7.18
N MSE A 161 27.18 -15.85 6.31
CA MSE A 161 27.36 -16.00 4.87
C MSE A 161 28.70 -15.50 4.34
O MSE A 161 29.16 -15.94 3.28
CB MSE A 161 26.23 -15.29 4.12
CG MSE A 161 24.94 -16.04 4.14
SE MSE A 161 23.68 -15.14 2.94
CE MSE A 161 24.75 -15.15 1.27
N ASN A 162 29.30 -14.54 5.04
CA ASN A 162 30.59 -13.98 4.62
C ASN A 162 31.67 -15.09 4.55
N GLY A 163 32.32 -15.21 3.40
CA GLY A 163 33.30 -16.28 3.19
C GLY A 163 32.76 -17.63 2.76
N MSE A 164 31.43 -17.77 2.62
CA MSE A 164 30.85 -19.05 2.19
C MSE A 164 30.96 -19.23 0.67
O MSE A 164 30.79 -18.28 -0.09
CB MSE A 164 29.40 -19.19 2.63
CG MSE A 164 29.17 -19.64 4.05
SE MSE A 164 27.39 -20.47 4.00
CE MSE A 164 27.27 -21.07 5.89
N ASP A 165 31.27 -20.46 0.27
CA ASP A 165 31.55 -20.78 -1.13
C ASP A 165 30.80 -22.05 -1.56
N ALA A 166 30.43 -22.88 -0.58
CA ALA A 166 29.82 -24.17 -0.89
C ALA A 166 28.30 -24.17 -0.73
N LYS A 167 27.61 -24.59 -1.78
CA LYS A 167 26.16 -24.62 -1.82
C LYS A 167 25.54 -25.45 -0.70
N GLN A 168 26.20 -26.52 -0.28
CA GLN A 168 25.60 -27.31 0.78
C GLN A 168 25.65 -26.56 2.11
N ASP A 169 26.70 -25.75 2.29
CA ASP A 169 26.81 -24.93 3.50
C ASP A 169 25.69 -23.90 3.51
N MSE A 170 25.53 -23.19 2.39
CA MSE A 170 24.44 -22.22 2.21
C MSE A 170 23.07 -22.85 2.51
O MSE A 170 22.26 -22.33 3.29
CB MSE A 170 24.44 -21.57 0.82
CG MSE A 170 25.78 -21.03 0.40
SE MSE A 170 25.73 -20.17 -1.35
CE MSE A 170 27.61 -19.63 -1.45
N GLN A 171 22.84 -24.02 1.91
CA GLN A 171 21.57 -24.75 2.08
C GLN A 171 21.34 -25.06 3.54
N ALA A 172 22.41 -25.46 4.23
CA ALA A 172 22.31 -25.75 5.66
C ALA A 172 21.89 -24.52 6.47
N LEU A 173 22.59 -23.41 6.22
CA LEU A 173 22.30 -22.15 6.91
C LEU A 173 20.82 -21.74 6.75
N TRP A 174 20.39 -21.66 5.49
CA TRP A 174 18.99 -21.37 5.20
C TRP A 174 18.07 -22.33 5.93
N ASP A 175 18.34 -23.63 5.80
CA ASP A 175 17.53 -24.64 6.46
C ASP A 175 17.38 -24.39 7.96
N ALA A 176 18.45 -23.97 8.62
CA ALA A 176 18.32 -23.56 10.02
C ALA A 176 17.35 -22.39 10.17
N GLU A 177 17.53 -21.36 9.34
CA GLU A 177 16.61 -20.21 9.42
C GLU A 177 15.13 -20.58 9.25
N ILE A 178 14.84 -21.35 8.20
CA ILE A 178 13.50 -21.83 7.89
C ILE A 178 12.97 -22.69 9.05
N ALA A 179 13.88 -23.41 9.69
CA ALA A 179 13.53 -24.21 10.86
C ALA A 179 13.02 -23.30 11.98
N ILE A 180 13.72 -22.19 12.20
CA ILE A 180 13.28 -21.24 13.23
C ILE A 180 11.86 -20.69 12.97
N MSE A 181 11.57 -20.34 11.73
CA MSE A 181 10.29 -19.70 11.37
C MSE A 181 9.10 -20.64 11.48
O MSE A 181 8.00 -20.27 11.09
CB MSE A 181 10.32 -19.20 9.92
CG MSE A 181 11.21 -18.02 9.62
SE MSE A 181 11.14 -17.77 7.68
CE MSE A 181 12.91 -17.03 7.40
N ASN A 182 9.32 -21.85 11.98
CA ASN A 182 8.33 -22.92 11.88
C ASN A 182 6.90 -22.58 12.29
N GLY A 183 6.71 -22.22 13.54
CA GLY A 183 5.38 -21.97 14.06
C GLY A 183 4.64 -20.75 13.55
N ARG A 184 5.30 -19.92 12.74
CA ARG A 184 4.69 -18.70 12.21
C ARG A 184 3.58 -18.98 11.19
N ALA A 185 2.78 -17.98 10.88
CA ALA A 185 1.76 -18.11 9.84
C ALA A 185 2.43 -18.17 8.45
N GLN A 186 1.81 -18.92 7.54
CA GLN A 186 2.27 -19.03 6.15
C GLN A 186 2.61 -17.64 5.60
N THR A 187 1.69 -16.73 5.84
CA THR A 187 1.75 -15.35 5.44
C THR A 187 2.98 -14.61 6.03
N THR A 188 3.17 -14.81 7.33
CA THR A 188 4.32 -14.26 8.03
C THR A 188 5.61 -14.78 7.40
N ILE A 189 5.64 -16.08 7.14
CA ILE A 189 6.81 -16.75 6.59
C ILE A 189 7.18 -16.23 5.19
N ILE A 190 6.19 -16.03 4.35
CA ILE A 190 6.43 -15.42 3.06
C ILE A 190 7.04 -14.03 3.22
N SER A 191 6.44 -13.21 4.09
CA SER A 191 7.01 -11.87 4.37
C SER A 191 8.47 -11.91 4.86
N TYR A 192 8.73 -12.77 5.84
CA TYR A 192 10.08 -12.95 6.41
C TYR A 192 11.06 -13.36 5.34
N ILE A 193 10.66 -14.33 4.53
CA ILE A 193 11.49 -14.76 3.40
C ILE A 193 11.83 -13.57 2.51
N THR A 194 10.85 -12.69 2.26
CA THR A 194 11.16 -11.45 1.55
C THR A 194 12.23 -10.61 2.27
N LYS A 195 12.17 -10.58 3.60
CA LYS A 195 13.17 -9.78 4.33
C LYS A 195 14.58 -10.34 4.17
N TYR A 196 14.72 -11.64 4.39
CA TYR A 196 16.00 -12.30 4.16
C TYR A 196 16.49 -12.09 2.72
N ARG A 197 15.59 -12.24 1.75
CA ARG A 197 16.03 -12.18 0.36
C ARG A 197 16.50 -10.76 0.00
N ASN A 198 15.79 -9.77 0.56
CA ASN A 198 16.18 -8.39 0.33
C ASN A 198 17.53 -8.08 1.00
N ALA A 199 17.75 -8.70 2.17
CA ALA A 199 19.01 -8.54 2.88
C ALA A 199 20.19 -9.13 2.10
N ILE A 200 20.09 -10.42 1.76
CA ILE A 200 21.06 -11.06 0.87
C ILE A 200 21.33 -10.19 -0.34
N ARG A 201 20.25 -9.70 -0.93
CA ARG A 201 20.38 -8.96 -2.17
C ARG A 201 21.14 -7.66 -1.94
N GLU A 202 20.98 -7.08 -0.75
CA GLU A 202 21.60 -5.80 -0.44
C GLU A 202 23.08 -5.98 -0.10
N ALA A 203 23.39 -7.03 0.66
CA ALA A 203 24.76 -7.31 1.08
C ALA A 203 25.64 -7.82 -0.05
N PHE A 204 25.11 -8.76 -0.83
CA PHE A 204 25.94 -9.50 -1.80
C PHE A 204 25.57 -9.29 -3.26
N GLY A 205 24.49 -8.57 -3.52
CA GLY A 205 24.06 -8.31 -4.89
C GLY A 205 23.10 -9.34 -5.45
N ASP A 206 22.77 -9.18 -6.74
CA ASP A 206 21.73 -9.95 -7.42
C ASP A 206 22.19 -11.29 -7.98
N ASP A 207 23.50 -11.50 -8.03
CA ASP A 207 24.05 -12.67 -8.69
C ASP A 207 24.56 -13.69 -7.70
N HIS A 208 24.11 -13.59 -6.45
CA HIS A 208 24.58 -14.50 -5.42
C HIS A 208 23.73 -15.77 -5.32
N PRO A 209 24.39 -16.93 -5.50
CA PRO A 209 23.72 -18.24 -5.51
C PRO A 209 22.83 -18.49 -4.29
N MSE A 210 23.04 -17.81 -3.17
CA MSE A 210 22.12 -18.00 -2.04
C MSE A 210 20.68 -17.62 -2.43
O MSE A 210 19.73 -18.08 -1.81
CB MSE A 210 22.58 -17.21 -0.82
CG MSE A 210 21.76 -17.35 0.49
SE MSE A 210 21.58 -19.21 0.82
CE MSE A 210 21.04 -19.49 2.58
N LEU A 211 20.54 -16.78 -3.45
CA LEU A 211 19.23 -16.34 -3.91
C LEU A 211 18.45 -17.48 -4.57
N LYS A 212 19.16 -18.52 -5.00
CA LYS A 212 18.54 -19.69 -5.60
C LYS A 212 18.07 -20.62 -4.49
N ILE A 213 18.61 -20.41 -3.29
CA ILE A 213 18.43 -21.33 -2.19
C ILE A 213 17.49 -20.79 -1.13
N ALA A 214 17.65 -19.53 -0.77
CA ALA A 214 16.77 -18.88 0.20
C ALA A 214 15.43 -18.54 -0.45
N THR A 215 14.59 -19.55 -0.58
CA THR A 215 13.31 -19.41 -1.24
C THR A 215 12.30 -20.18 -0.43
N GLY A 216 11.08 -19.82 -0.67
CA GLY A 216 9.97 -20.58 -0.24
C GLY A 216 9.63 -21.66 -1.19
N ASP A 217 8.97 -22.63 -0.64
CA ASP A 217 8.40 -23.68 -1.42
C ASP A 217 7.34 -23.21 -2.36
N ALA A 218 7.27 -23.81 -3.52
CA ALA A 218 6.28 -23.50 -4.49
C ALA A 218 4.90 -23.79 -3.94
N ALA A 219 4.77 -24.85 -3.17
CA ALA A 219 3.50 -25.23 -2.58
C ALA A 219 2.93 -24.12 -1.68
N MSE A 220 3.83 -23.45 -0.96
CA MSE A 220 3.44 -22.36 -0.06
C MSE A 220 2.89 -21.15 -0.80
O MSE A 220 1.80 -20.64 -0.46
CB MSE A 220 4.62 -21.96 0.81
CG MSE A 220 4.24 -21.13 2.02
SE MSE A 220 5.80 -20.62 3.06
CE MSE A 220 6.87 -19.76 1.63
N TYR A 221 3.61 -20.68 -1.83
CA TYR A 221 3.14 -19.60 -2.69
C TYR A 221 1.81 -19.91 -3.38
N ASP A 222 1.72 -21.12 -3.93
CA ASP A 222 0.49 -21.61 -4.55
C ASP A 222 -0.69 -21.57 -3.58
N GLU A 223 -0.47 -22.04 -2.35
CA GLU A 223 -1.54 -22.07 -1.37
C GLU A 223 -1.95 -20.65 -0.97
N ALA A 224 -0.97 -19.76 -0.78
CA ALA A 224 -1.29 -18.36 -0.48
C ALA A 224 -2.21 -17.78 -1.56
N ARG A 225 -1.87 -18.07 -2.82
CA ARG A 225 -2.68 -17.63 -3.96
C ARG A 225 -4.10 -18.19 -3.90
N ARG A 226 -4.23 -19.47 -3.63
CA ARG A 226 -5.54 -20.11 -3.51
C ARG A 226 -6.38 -19.42 -2.42
N VAL A 227 -5.80 -19.27 -1.24
CA VAL A 227 -6.44 -18.58 -0.13
C VAL A 227 -6.97 -17.20 -0.54
N LYS A 228 -6.08 -16.42 -1.15
CA LYS A 228 -6.37 -15.05 -1.59
C LYS A 228 -7.52 -14.98 -2.58
N MSE A 229 -7.45 -15.81 -3.61
CA MSE A 229 -8.48 -15.79 -4.62
C MSE A 229 -9.80 -16.21 -4.04
O MSE A 229 -10.85 -15.70 -4.44
CB MSE A 229 -8.11 -16.66 -5.82
CG MSE A 229 -6.95 -16.09 -6.65
SE MSE A 229 -6.87 -14.11 -6.84
CE MSE A 229 -8.47 -13.80 -7.94
N GLU A 230 -9.75 -17.13 -3.07
CA GLU A 230 -10.99 -17.56 -2.43
C GLU A 230 -11.62 -16.42 -1.65
N LYS A 231 -10.79 -15.67 -0.93
CA LYS A 231 -11.30 -14.50 -0.20
C LYS A 231 -11.96 -13.49 -1.12
N ILE A 232 -11.25 -13.18 -2.20
CA ILE A 232 -11.77 -12.23 -3.18
C ILE A 232 -13.09 -12.71 -3.78
N ALA A 233 -13.13 -13.98 -4.20
CA ALA A 233 -14.36 -14.57 -4.72
C ALA A 233 -15.50 -14.44 -3.71
N ASN A 234 -15.20 -14.67 -2.44
CA ASN A 234 -16.22 -14.55 -1.41
C ASN A 234 -16.76 -13.15 -1.29
N LYS A 235 -15.86 -12.17 -1.33
CA LYS A 235 -16.27 -10.77 -1.36
C LYS A 235 -17.13 -10.39 -2.57
N HIS A 236 -16.80 -10.90 -3.76
CA HIS A 236 -17.54 -10.57 -4.99
C HIS A 236 -18.97 -11.09 -4.97
N GLY A 237 -19.23 -12.13 -4.17
CA GLY A 237 -20.58 -12.66 -4.08
C GLY A 237 -21.35 -12.14 -2.89
N ALA A 238 -20.73 -11.24 -2.13
CA ALA A 238 -21.36 -10.64 -0.94
C ALA A 238 -20.81 -9.25 -0.67
N LEU A 239 -20.91 -8.37 -1.66
CA LEU A 239 -20.50 -6.98 -1.51
C LEU A 239 -21.21 -6.30 -0.34
N ILE A 240 -20.46 -5.49 0.39
CA ILE A 240 -20.99 -4.72 1.52
C ILE A 240 -21.64 -3.43 1.02
N THR A 241 -22.89 -3.17 1.43
CA THR A 241 -23.57 -1.94 1.02
C THR A 241 -23.06 -0.75 1.83
N PHE A 242 -22.40 0.18 1.17
CA PHE A 242 -21.85 1.33 1.88
C PHE A 242 -22.93 2.40 2.03
N GLU A 243 -23.82 2.18 3.00
CA GLU A 243 -25.02 3.00 3.13
C GLU A 243 -24.72 4.48 3.37
N ASN A 244 -23.78 4.77 4.26
CA ASN A 244 -23.48 6.16 4.63
C ASN A 244 -22.25 6.74 3.92
N TYR A 245 -22.05 6.42 2.66
CA TYR A 245 -20.78 6.78 2.04
C TYR A 245 -20.68 8.28 1.78
N ARG A 246 -21.82 8.92 1.57
CA ARG A 246 -21.82 10.35 1.34
C ARG A 246 -21.29 11.06 2.58
N GLN A 247 -21.68 10.58 3.76
CA GLN A 247 -21.17 11.13 5.00
C GLN A 247 -19.65 10.93 5.13
N VAL A 248 -19.16 9.74 4.82
CA VAL A 248 -17.73 9.43 4.85
C VAL A 248 -16.94 10.38 3.95
N LEU A 249 -17.43 10.55 2.73
CA LEU A 249 -16.77 11.47 1.82
C LEU A 249 -16.81 12.90 2.36
N LYS A 250 -17.90 13.24 3.06
CA LYS A 250 -18.04 14.60 3.60
C LYS A 250 -16.98 14.87 4.65
N ILE A 251 -16.94 13.99 5.65
CA ILE A 251 -15.84 13.95 6.61
C ILE A 251 -14.46 14.09 5.96
N CYS A 252 -14.23 13.37 4.86
CA CYS A 252 -12.92 13.49 4.21
C CYS A 252 -12.73 14.87 3.60
N GLU A 253 -13.83 15.50 3.19
CA GLU A 253 -13.69 16.81 2.58
C GLU A 253 -13.34 17.80 3.68
N ASP A 254 -13.95 17.58 4.84
CA ASP A 254 -13.78 18.43 6.01
C ASP A 254 -12.34 18.33 6.50
N CYS A 255 -11.80 17.11 6.49
CA CYS A 255 -10.42 16.92 6.89
C CYS A 255 -9.46 17.77 6.06
N LEU A 256 -9.80 18.04 4.79
CA LEU A 256 -8.90 18.81 3.93
C LEU A 256 -8.67 20.24 4.45
N LYS A 257 -9.47 20.66 5.41
CA LYS A 257 -9.38 22.01 5.98
C LYS A 257 -8.78 22.03 7.37
N SER A 258 -8.52 20.85 7.94
CA SER A 258 -7.93 20.78 9.28
C SER A 258 -6.53 21.37 9.27
N SER A 259 -6.03 21.75 10.44
CA SER A 259 -4.68 22.29 10.56
C SER A 259 -3.68 21.17 10.90
N ASP A 260 -4.22 20.09 11.47
CA ASP A 260 -3.47 18.87 11.72
C ASP A 260 -3.26 18.12 10.40
N PRO A 261 -1.99 18.03 9.96
CA PRO A 261 -1.64 17.52 8.62
C PRO A 261 -1.96 16.02 8.42
N LEU A 262 -2.10 15.31 9.53
CA LEU A 262 -2.58 13.94 9.47
C LEU A 262 -4.00 13.92 8.94
N MSE A 263 -4.85 14.78 9.51
CA MSE A 263 -6.25 14.92 9.08
C MSE A 263 -6.34 15.25 7.60
O MSE A 263 -7.06 14.58 6.84
CB MSE A 263 -6.95 15.99 9.91
CG MSE A 263 -7.11 15.64 11.38
SE MSE A 263 -8.35 14.14 11.56
CE MSE A 263 -8.57 14.10 13.53
N ILE A 264 -5.56 16.25 7.17
CA ILE A 264 -5.50 16.60 5.75
C ILE A 264 -5.12 15.38 4.93
N GLY A 265 -4.13 14.63 5.39
CA GLY A 265 -3.70 13.43 4.71
C GLY A 265 -4.82 12.43 4.49
N ILE A 266 -5.51 12.08 5.58
CA ILE A 266 -6.68 11.23 5.51
C ILE A 266 -7.67 11.73 4.46
N GLY A 267 -8.06 12.99 4.60
CA GLY A 267 -8.96 13.59 3.63
C GLY A 267 -8.49 13.38 2.20
N LEU A 268 -7.19 13.54 1.97
CA LEU A 268 -6.62 13.36 0.64
C LEU A 268 -6.66 11.90 0.20
N ILE A 269 -6.64 10.98 1.16
N ILE A 269 -6.64 10.98 1.16
CA ILE A 269 -6.79 9.57 0.83
CA ILE A 269 -6.80 9.56 0.84
C ILE A 269 -8.19 9.32 0.30
C ILE A 269 -8.20 9.39 0.27
N GLY A 270 -9.20 9.77 1.06
CA GLY A 270 -10.59 9.68 0.60
C GLY A 270 -10.84 10.35 -0.73
N MSE A 271 -10.25 11.53 -0.93
CA MSE A 271 -10.58 12.33 -2.11
C MSE A 271 -9.78 11.93 -3.33
O MSE A 271 -10.25 12.17 -4.45
CB MSE A 271 -10.39 13.83 -1.81
CG MSE A 271 -11.28 14.35 -0.69
SE MSE A 271 -13.15 14.33 -1.25
CE MSE A 271 -13.86 12.96 -0.06
N THR A 272 -8.61 11.35 -3.16
CA THR A 272 -7.77 11.00 -4.32
C THR A 272 -7.57 9.50 -4.51
N GLY A 273 -7.90 8.72 -3.47
CA GLY A 273 -7.73 7.29 -3.52
C GLY A 273 -6.27 6.87 -3.57
N ARG A 274 -5.36 7.81 -3.31
CA ARG A 274 -3.94 7.44 -3.23
C ARG A 274 -3.64 6.66 -1.95
N ARG A 275 -2.60 5.84 -2.00
CA ARG A 275 -2.22 5.08 -0.83
C ARG A 275 -1.63 6.01 0.17
N PRO A 276 -1.86 5.72 1.46
CA PRO A 276 -1.32 6.51 2.57
C PRO A 276 0.17 6.83 2.40
N TYR A 277 0.98 5.82 2.10
CA TYR A 277 2.42 6.05 1.92
C TYR A 277 2.66 7.04 0.79
N GLU A 278 1.87 6.91 -0.28
CA GLU A 278 1.96 7.83 -1.40
C GLU A 278 1.61 9.25 -0.96
N VAL A 279 0.50 9.40 -0.24
CA VAL A 279 0.01 10.73 0.11
C VAL A 279 0.95 11.41 1.07
N PHE A 280 1.28 10.73 2.16
CA PHE A 280 2.16 11.30 3.15
C PHE A 280 3.63 11.45 2.73
N THR A 281 4.16 10.61 1.85
CA THR A 281 5.62 10.68 1.62
C THR A 281 6.15 11.06 0.23
N GLN A 282 5.34 10.92 -0.82
CA GLN A 282 5.91 11.04 -2.16
C GLN A 282 4.99 11.52 -3.28
N ALA A 283 3.68 11.54 -3.03
CA ALA A 283 2.70 12.00 -4.03
C ALA A 283 3.04 13.38 -4.56
N GLU A 284 2.93 13.55 -5.88
CA GLU A 284 3.06 14.86 -6.51
C GLU A 284 1.76 15.15 -7.25
N PHE A 285 0.93 15.98 -6.62
CA PHE A 285 -0.35 16.35 -7.19
C PHE A 285 -0.19 17.63 -7.97
N SER A 286 -0.87 17.71 -9.10
CA SER A 286 -0.63 18.75 -10.08
C SER A 286 -1.99 19.04 -10.73
N PRO A 287 -2.15 20.24 -11.30
CA PRO A 287 -3.44 20.50 -11.97
C PRO A 287 -3.50 19.83 -13.34
N ALA A 288 -4.70 19.39 -13.74
CA ALA A 288 -4.86 18.68 -15.00
C ALA A 288 -5.64 19.52 -15.99
N PRO A 289 -5.10 19.66 -17.20
CA PRO A 289 -5.70 20.44 -18.29
C PRO A 289 -7.03 19.87 -18.74
N TYR A 290 -7.77 20.64 -19.54
CA TYR A 290 -9.03 20.20 -20.11
C TYR A 290 -9.36 21.17 -21.22
N GLY A 291 -8.75 20.94 -22.38
CA GLY A 291 -8.81 21.91 -23.46
C GLY A 291 -7.87 23.07 -23.16
N LYS A 292 -8.45 24.27 -23.04
CA LYS A 292 -7.68 25.46 -22.70
C LYS A 292 -7.78 25.77 -21.20
N GLY A 293 -8.71 25.11 -20.53
CA GLY A 293 -8.93 25.33 -19.12
C GLY A 293 -8.29 24.29 -18.21
N VAL A 294 -8.80 24.21 -16.98
CA VAL A 294 -8.26 23.30 -15.98
C VAL A 294 -9.37 22.39 -15.46
N SER A 295 -9.06 21.09 -15.34
CA SER A 295 -10.06 20.11 -14.93
C SER A 295 -10.60 20.36 -13.51
N LYS A 296 -11.93 20.34 -13.40
CA LYS A 296 -12.59 20.55 -12.12
C LYS A 296 -12.60 19.27 -11.28
N TRP A 297 -12.57 18.13 -11.96
CA TRP A 297 -12.77 16.84 -11.29
C TRP A 297 -11.66 15.82 -11.47
N SER A 298 -10.53 16.26 -12.02
CA SER A 298 -9.38 15.40 -12.13
C SER A 298 -8.07 16.15 -11.92
N ILE A 299 -7.07 15.49 -11.33
CA ILE A 299 -5.74 16.07 -11.20
C ILE A 299 -4.69 15.18 -11.84
N LEU A 300 -3.46 15.67 -11.90
CA LEU A 300 -2.32 14.86 -12.33
C LEU A 300 -1.60 14.32 -11.09
N PHE A 301 -1.18 13.06 -11.16
CA PHE A 301 -0.50 12.44 -10.04
C PHE A 301 0.80 11.75 -10.45
N ASN A 302 1.85 11.99 -9.67
CA ASN A 302 3.10 11.22 -9.84
C ASN A 302 3.55 10.65 -8.49
N GLY A 303 4.20 9.50 -8.50
CA GLY A 303 4.66 8.93 -7.24
C GLY A 303 3.98 7.61 -6.86
N GLN A 304 3.56 6.87 -7.87
CA GLN A 304 2.96 5.55 -7.66
C GLN A 304 3.92 4.63 -6.89
N ALA A 305 3.43 4.07 -5.78
CA ALA A 305 4.22 3.08 -5.06
C ALA A 305 3.94 1.67 -5.58
N LYS A 306 4.52 0.68 -4.90
CA LYS A 306 4.35 -0.74 -5.25
C LYS A 306 4.49 -0.98 -6.76
N THR A 307 5.54 -0.41 -7.34
CA THR A 307 5.84 -0.58 -8.77
C THR A 307 7.32 -0.38 -9.05
N LYS A 308 7.82 -0.94 -10.15
CA LYS A 308 9.22 -0.79 -10.53
C LYS A 308 9.33 -0.48 -12.02
N GLN A 309 10.47 0.07 -12.43
CA GLN A 309 10.68 0.48 -13.81
C GLN A 309 10.31 -0.61 -14.81
N GLY A 310 9.53 -0.26 -15.82
CA GLY A 310 9.17 -1.20 -16.86
C GLY A 310 8.18 -0.58 -17.84
N GLU A 311 7.97 -1.27 -18.96
CA GLU A 311 6.96 -0.83 -19.91
C GLU A 311 5.60 -1.22 -19.35
N GLY A 312 4.61 -0.35 -19.53
CA GLY A 312 3.25 -0.66 -19.10
C GLY A 312 3.06 -0.41 -17.62
N THR A 313 4.08 0.16 -17.00
CA THR A 313 4.15 0.44 -15.58
C THR A 313 3.98 1.93 -15.33
N LYS A 314 3.48 2.32 -14.15
CA LYS A 314 3.30 3.72 -13.82
C LYS A 314 4.46 4.25 -12.96
N PHE A 315 5.59 3.56 -12.97
CA PHE A 315 6.74 4.02 -12.21
C PHE A 315 7.31 5.33 -12.79
N GLY A 316 7.27 6.38 -11.97
CA GLY A 316 7.71 7.70 -12.40
C GLY A 316 6.86 8.25 -13.54
N ILE A 317 5.62 7.79 -13.64
CA ILE A 317 4.71 8.33 -14.64
C ILE A 317 3.73 9.31 -13.99
N THR A 318 3.50 10.43 -14.63
CA THR A 318 2.45 11.34 -14.22
C THR A 318 1.22 10.96 -15.01
N TYR A 319 0.13 10.67 -14.31
CA TYR A 319 -1.10 10.26 -14.99
C TYR A 319 -2.31 10.84 -14.28
N GLU A 320 -3.39 11.01 -15.03
CA GLU A 320 -4.56 11.70 -14.56
C GLU A 320 -5.50 10.80 -13.73
N ILE A 321 -5.98 11.33 -12.61
CA ILE A 321 -6.87 10.61 -11.73
C ILE A 321 -8.05 11.50 -11.31
N PRO A 322 -9.25 10.92 -11.24
CA PRO A 322 -10.41 11.69 -10.80
C PRO A 322 -10.28 12.06 -9.33
N VAL A 323 -10.96 13.12 -8.92
CA VAL A 323 -11.02 13.51 -7.52
C VAL A 323 -12.48 13.64 -7.13
N LEU A 324 -12.77 13.47 -5.84
CA LEU A 324 -14.16 13.38 -5.40
C LEU A 324 -14.70 14.68 -4.77
N THR A 325 -13.84 15.70 -4.71
CA THR A 325 -14.28 17.07 -4.46
C THR A 325 -13.51 17.92 -5.43
N ARG A 326 -13.80 19.21 -5.45
CA ARG A 326 -13.23 20.13 -6.44
C ARG A 326 -11.72 20.04 -6.38
N SER A 327 -11.08 20.07 -7.55
CA SER A 327 -9.64 19.89 -7.61
C SER A 327 -8.86 21.01 -6.92
N GLU A 328 -9.42 22.21 -6.96
CA GLU A 328 -8.82 23.37 -6.31
C GLU A 328 -8.65 23.06 -4.83
N THR A 329 -9.75 22.63 -4.21
CA THR A 329 -9.76 22.29 -2.79
C THR A 329 -8.65 21.28 -2.48
N VAL A 330 -8.63 20.21 -3.25
CA VAL A 330 -7.65 19.14 -3.08
C VAL A 330 -6.23 19.65 -3.14
N LEU A 331 -5.91 20.39 -4.20
CA LEU A 331 -4.58 20.96 -4.38
C LEU A 331 -4.14 21.89 -3.24
N ALA A 332 -5.05 22.78 -2.83
CA ALA A 332 -4.77 23.69 -1.71
C ALA A 332 -4.46 22.91 -0.44
N ALA A 333 -5.33 21.96 -0.11
CA ALA A 333 -5.10 21.09 1.04
C ALA A 333 -3.74 20.39 0.94
N TYR A 334 -3.33 20.02 -0.25
CA TYR A 334 -2.06 19.36 -0.46
C TYR A 334 -0.89 20.22 -0.19
N LYS A 335 -0.90 21.43 -0.73
CA LYS A 335 0.24 22.29 -0.43
C LYS A 335 0.29 22.62 1.05
N ARG A 336 -0.88 22.74 1.67
CA ARG A 336 -0.87 22.98 3.11
C ARG A 336 -0.21 21.80 3.84
N LEU A 337 -0.49 20.58 3.37
CA LEU A 337 0.17 19.38 3.93
C LEU A 337 1.68 19.42 3.72
N ARG A 338 2.09 19.72 2.49
CA ARG A 338 3.51 19.70 2.16
C ARG A 338 4.32 20.77 2.89
N GLU A 339 3.70 21.91 3.17
CA GLU A 339 4.44 23.03 3.78
C GLU A 339 4.51 22.95 5.30
N SER A 340 3.66 22.13 5.90
CA SER A 340 3.68 21.91 7.34
C SER A 340 5.01 21.38 7.85
N GLY A 341 5.15 21.31 9.18
CA GLY A 341 6.33 20.73 9.78
C GLY A 341 6.35 19.20 9.68
N GLN A 342 5.23 18.58 10.02
CA GLN A 342 5.12 17.13 9.98
C GLN A 342 5.20 16.65 8.53
N GLY A 343 4.63 17.44 7.64
CA GLY A 343 4.71 17.16 6.21
C GLY A 343 6.12 17.24 5.68
N LYS A 344 7.00 17.93 6.41
CA LYS A 344 8.38 18.05 5.96
C LYS A 344 9.20 16.85 6.43
N LEU A 345 8.90 16.38 7.63
CA LEU A 345 9.40 15.10 8.11
C LEU A 345 9.00 13.99 7.13
N TRP A 346 7.69 13.85 6.93
CA TRP A 346 7.13 12.78 6.08
C TRP A 346 7.73 12.69 4.69
N HIS A 347 7.99 13.84 4.07
CA HIS A 347 8.36 13.86 2.66
C HIS A 347 9.63 13.08 2.36
N GLY A 348 9.54 12.20 1.36
CA GLY A 348 10.69 11.44 0.89
C GLY A 348 11.15 10.32 1.81
N MSE A 349 10.39 10.09 2.87
CA MSE A 349 10.65 9.03 3.84
C MSE A 349 10.58 7.62 3.23
O MSE A 349 9.89 7.40 2.23
CB MSE A 349 9.57 9.16 4.90
CG MSE A 349 9.79 8.46 6.21
SE MSE A 349 9.08 9.70 7.48
CE MSE A 349 8.17 8.60 8.67
N SER A 350 11.31 6.67 3.82
CA SER A 350 11.21 5.26 3.46
C SER A 350 9.93 4.67 4.06
N ILE A 351 9.53 3.50 3.56
CA ILE A 351 8.31 2.86 4.05
C ILE A 351 8.40 2.41 5.51
N ASP A 352 9.58 1.98 5.95
CA ASP A 352 9.74 1.49 7.31
C ASP A 352 9.65 2.65 8.28
N ASP A 353 10.34 3.71 7.91
CA ASP A 353 10.26 4.94 8.66
C ASP A 353 8.80 5.39 8.72
N PHE A 354 8.10 5.33 7.58
CA PHE A 354 6.74 5.83 7.53
C PHE A 354 5.86 5.05 8.48
N SER A 355 5.91 3.73 8.39
CA SER A 355 5.15 2.86 9.27
C SER A 355 5.40 3.19 10.71
N SER A 356 6.68 3.29 11.08
CA SER A 356 7.05 3.52 12.47
C SER A 356 6.56 4.86 13.00
N GLU A 357 6.63 5.87 12.15
CA GLU A 357 6.26 7.21 12.57
C GLU A 357 4.77 7.39 12.67
N THR A 358 4.02 6.78 11.75
CA THR A 358 2.65 7.22 11.55
C THR A 358 1.57 6.11 11.57
N ARG A 359 1.93 4.87 11.26
CA ARG A 359 0.91 3.84 11.10
C ARG A 359 -0.11 3.71 12.24
N LEU A 360 0.34 3.57 13.49
CA LEU A 360 -0.59 3.33 14.60
C LEU A 360 -1.49 4.54 14.89
N LEU A 361 -0.91 5.73 14.71
CA LEU A 361 -1.64 6.97 14.93
C LEU A 361 -2.71 7.15 13.85
N LEU A 362 -2.33 6.90 12.61
CA LEU A 362 -3.24 6.98 11.46
C LEU A 362 -4.38 5.98 11.62
N ARG A 363 -4.01 4.76 11.97
CA ARG A 363 -4.95 3.70 12.26
C ARG A 363 -5.99 4.13 13.31
N ASP A 364 -5.50 4.65 14.43
CA ASP A 364 -6.38 5.06 15.52
C ASP A 364 -7.30 6.21 15.10
N THR A 365 -6.71 7.25 14.51
CA THR A 365 -7.47 8.41 14.05
C THR A 365 -8.58 7.98 13.11
N VAL A 366 -8.27 7.09 12.17
CA VAL A 366 -9.27 6.61 11.22
C VAL A 366 -10.36 5.79 11.92
N PHE A 367 -9.97 4.91 12.84
CA PHE A 367 -10.94 4.18 13.67
C PHE A 367 -11.94 5.17 14.25
N ASN A 368 -11.42 6.22 14.87
CA ASN A 368 -12.25 7.21 15.56
C ASN A 368 -13.14 8.05 14.63
N LEU A 369 -12.53 8.72 13.66
CA LEU A 369 -13.23 9.51 12.66
C LEU A 369 -14.48 8.87 12.05
N PHE A 370 -14.45 7.57 11.76
CA PHE A 370 -15.53 6.93 10.99
C PHE A 370 -16.33 5.86 11.76
N GLU A 371 -16.06 5.72 13.05
CA GLU A 371 -16.68 4.65 13.85
C GLU A 371 -18.22 4.56 13.73
N ASP A 372 -18.87 5.71 13.55
CA ASP A 372 -20.33 5.75 13.56
C ASP A 372 -20.96 5.53 12.19
N VAL A 373 -20.26 5.95 11.14
CA VAL A 373 -20.83 5.92 9.79
C VAL A 373 -20.42 4.70 8.94
N TRP A 374 -19.29 4.10 9.25
CA TRP A 374 -18.80 2.94 8.51
C TRP A 374 -19.77 1.78 8.61
N PRO A 375 -19.89 1.01 7.53
CA PRO A 375 -20.76 -0.17 7.52
C PRO A 375 -20.43 -1.13 8.66
N LYS A 376 -21.46 -1.82 9.15
CA LYS A 376 -21.32 -2.68 10.32
C LYS A 376 -20.51 -3.93 10.03
N GLU A 377 -20.42 -4.30 8.75
CA GLU A 377 -19.75 -5.53 8.38
C GLU A 377 -18.23 -5.51 8.61
N GLU A 378 -17.65 -4.31 8.73
CA GLU A 378 -16.20 -4.19 8.90
C GLU A 378 -15.82 -2.95 9.71
N LEU A 379 -14.59 -2.92 10.19
CA LEU A 379 -14.07 -1.77 10.91
C LEU A 379 -13.41 -0.78 9.95
N PRO A 380 -13.48 0.52 10.27
CA PRO A 380 -12.91 1.59 9.42
C PRO A 380 -11.38 1.51 9.31
N LYS A 381 -10.85 1.26 8.13
CA LYS A 381 -9.40 1.25 7.92
C LYS A 381 -9.03 2.20 6.78
N PRO A 382 -7.81 2.77 6.83
CA PRO A 382 -7.36 3.74 5.81
C PRO A 382 -7.55 3.25 4.37
N TYR A 383 -7.16 2.03 4.08
CA TYR A 383 -7.30 1.50 2.72
C TYR A 383 -8.78 1.37 2.29
N GLY A 384 -9.69 1.26 3.27
CA GLY A 384 -11.11 1.34 2.99
C GLY A 384 -11.42 2.51 2.07
N LEU A 385 -10.76 3.64 2.33
CA LEU A 385 -11.02 4.86 1.57
C LEU A 385 -10.64 4.74 0.12
N ARG A 386 -9.62 3.93 -0.16
CA ARG A 386 -9.16 3.70 -1.52
C ARG A 386 -10.15 2.79 -2.25
N HIS A 387 -10.78 1.88 -1.50
CA HIS A 387 -11.75 0.98 -2.12
C HIS A 387 -12.98 1.81 -2.51
N LEU A 388 -13.56 2.47 -1.52
CA LEU A 388 -14.70 3.36 -1.73
C LEU A 388 -14.46 4.34 -2.87
N TYR A 389 -13.27 4.95 -2.89
CA TYR A 389 -12.94 5.94 -3.92
C TYR A 389 -13.18 5.34 -5.27
N ALA A 390 -12.66 4.13 -5.45
CA ALA A 390 -12.72 3.53 -6.77
C ALA A 390 -14.17 3.28 -7.11
N GLU A 391 -14.93 2.86 -6.11
CA GLU A 391 -16.33 2.56 -6.32
C GLU A 391 -17.06 3.86 -6.64
N VAL A 392 -16.66 4.96 -6.01
CA VAL A 392 -17.38 6.21 -6.22
C VAL A 392 -17.00 6.80 -7.56
N ALA A 393 -15.70 6.87 -7.84
CA ALA A 393 -15.26 7.43 -9.10
C ALA A 393 -15.91 6.72 -10.30
N TYR A 394 -15.84 5.38 -10.32
CA TYR A 394 -16.53 4.58 -11.35
C TYR A 394 -17.99 4.99 -11.45
N HIS A 395 -18.68 5.06 -10.31
CA HIS A 395 -20.07 5.46 -10.31
C HIS A 395 -20.28 6.81 -10.99
N ASN A 396 -19.36 7.75 -10.77
CA ASN A 396 -19.57 9.12 -11.24
C ASN A 396 -18.92 9.47 -12.58
N PHE A 397 -17.78 8.86 -12.89
CA PHE A 397 -16.90 9.37 -13.96
C PHE A 397 -16.64 8.40 -15.11
N ALA A 398 -16.96 7.12 -14.92
CA ALA A 398 -16.55 6.09 -15.87
C ALA A 398 -17.18 6.29 -17.24
N PRO A 399 -16.34 6.36 -18.28
CA PRO A 399 -16.81 6.46 -19.66
C PRO A 399 -17.48 5.15 -20.06
N PRO A 400 -18.30 5.16 -21.12
CA PRO A 400 -19.16 4.01 -21.41
C PRO A 400 -18.45 2.82 -22.08
N HIS A 401 -17.32 3.05 -22.71
CA HIS A 401 -16.67 2.02 -23.53
C HIS A 401 -15.62 1.23 -22.72
N VAL A 402 -15.72 1.28 -21.39
CA VAL A 402 -14.69 0.77 -20.52
C VAL A 402 -15.33 -0.09 -19.43
N THR A 403 -14.74 -1.24 -19.11
CA THR A 403 -15.27 -2.08 -18.04
C THR A 403 -14.87 -1.55 -16.67
N LYS A 404 -15.60 -1.99 -15.64
CA LYS A 404 -15.24 -1.60 -14.28
C LYS A 404 -13.80 -2.02 -13.98
N ASN A 405 -13.40 -3.22 -14.42
CA ASN A 405 -12.04 -3.71 -14.16
C ASN A 405 -10.99 -2.80 -14.78
N SER A 406 -11.22 -2.46 -16.04
CA SER A 406 -10.34 -1.56 -16.74
C SER A 406 -10.30 -0.19 -16.08
N TYR A 407 -11.46 0.34 -15.70
CA TYR A 407 -11.48 1.66 -15.10
C TYR A 407 -10.71 1.71 -13.78
N PHE A 408 -11.00 0.76 -12.90
CA PHE A 408 -10.26 0.60 -11.65
C PHE A 408 -8.76 0.51 -11.91
N ALA A 409 -8.36 -0.35 -12.85
CA ALA A 409 -6.92 -0.50 -13.12
C ALA A 409 -6.29 0.80 -13.58
N ALA A 410 -7.09 1.57 -14.32
CA ALA A 410 -6.65 2.86 -14.83
C ALA A 410 -6.44 3.85 -13.69
N ILE A 411 -7.41 3.99 -12.80
CA ILE A 411 -7.31 5.04 -11.80
C ILE A 411 -6.44 4.67 -10.61
N LEU A 412 -6.20 3.37 -10.45
CA LEU A 412 -5.46 2.91 -9.28
C LEU A 412 -3.98 2.75 -9.56
N GLY A 413 -3.59 2.94 -10.82
CA GLY A 413 -2.19 2.94 -11.21
C GLY A 413 -1.63 1.58 -11.55
N HIS A 414 -2.50 0.65 -11.91
CA HIS A 414 -2.07 -0.73 -12.14
C HIS A 414 -1.39 -0.85 -13.50
N ASN A 415 -0.58 -1.91 -13.66
CA ASN A 415 0.07 -2.17 -14.93
C ASN A 415 -0.93 -2.22 -16.09
N ASN A 416 -0.46 -2.02 -17.31
CA ASN A 416 -1.33 -1.82 -18.47
C ASN A 416 -2.30 -2.94 -18.80
N ASN A 417 -1.82 -4.16 -18.76
CA ASN A 417 -2.66 -5.31 -19.08
C ASN A 417 -3.07 -6.10 -17.82
N ASP A 418 -2.96 -5.46 -16.67
CA ASP A 418 -3.40 -6.08 -15.41
C ASP A 418 -4.85 -5.71 -15.05
N LEU A 419 -5.77 -6.64 -15.32
CA LEU A 419 -7.16 -6.48 -14.89
C LEU A 419 -7.40 -7.22 -13.58
N GLU A 420 -6.46 -8.06 -13.16
CA GLU A 420 -6.71 -8.93 -12.01
C GLU A 420 -6.58 -8.26 -10.64
N THR A 421 -5.71 -7.27 -10.52
CA THR A 421 -5.54 -6.60 -9.23
C THR A 421 -6.81 -5.79 -8.87
N SER A 422 -7.47 -5.25 -9.89
CA SER A 422 -8.76 -4.56 -9.73
C SER A 422 -9.76 -5.42 -8.95
N LEU A 423 -9.68 -6.73 -9.11
CA LEU A 423 -10.61 -7.63 -8.44
C LEU A 423 -10.57 -7.45 -6.94
N SER A 424 -9.41 -7.03 -6.43
CA SER A 424 -9.23 -6.88 -4.99
C SER A 424 -10.05 -5.73 -4.44
N PTR A 425 -10.47 -4.83 -5.32
CA PTR A 425 -11.04 -3.57 -4.85
C PTR A 425 -12.57 -3.53 -4.94
O PTR A 425 -13.21 -2.59 -4.45
CB PTR A 425 -10.40 -2.41 -5.62
CG PTR A 425 -8.98 -2.15 -5.20
CD1 PTR A 425 -7.90 -2.76 -5.86
CD2 PTR A 425 -8.70 -1.32 -4.13
CE1 PTR A 425 -6.58 -2.50 -5.45
CE2 PTR A 425 -7.40 -1.07 -3.73
CZ PTR A 425 -6.35 -1.66 -4.38
OH PTR A 425 -5.17 -1.35 -3.93
P PTR A 425 -3.75 -1.89 -4.52
O1P PTR A 425 -3.65 -1.42 -5.94
O2P PTR A 425 -2.66 -1.18 -3.73
N MSE A 426 -13.16 -4.53 -5.57
CA MSE A 426 -14.62 -4.58 -5.62
C MSE A 426 -15.15 -5.16 -4.31
O MSE A 426 -15.23 -6.37 -4.12
CB MSE A 426 -15.10 -5.29 -6.88
CG MSE A 426 -15.04 -4.31 -8.06
SE MSE A 426 -14.69 -5.35 -9.61
CE MSE A 426 -13.96 -3.93 -10.80
N THR A 427 -15.47 -4.23 -3.41
CA THR A 427 -15.70 -4.48 -2.00
C THR A 427 -17.10 -4.00 -1.60
N TYR A 428 -17.51 -2.86 -2.16
CA TYR A 428 -18.76 -2.24 -1.76
C TYR A 428 -19.79 -2.10 -2.87
N THR A 429 -21.06 -2.03 -2.45
CA THR A 429 -22.14 -1.60 -3.34
C THR A 429 -22.65 -0.29 -2.79
N LEU A 430 -22.70 0.73 -3.64
CA LEU A 430 -23.29 2.01 -3.27
C LEU A 430 -24.82 1.83 -3.23
N PRO A 431 -25.47 2.35 -2.18
CA PRO A 431 -26.91 2.15 -1.94
C PRO A 431 -27.81 2.54 -3.11
N GLU A 432 -27.44 3.52 -3.92
CA GLU A 432 -28.25 3.87 -5.09
C GLU A 432 -28.36 2.69 -6.04
N ASP A 433 -27.22 2.03 -6.26
CA ASP A 433 -27.17 0.86 -7.12
C ASP A 433 -27.94 -0.31 -6.51
N ARG A 434 -27.87 -0.44 -5.19
CA ARG A 434 -28.60 -1.49 -4.48
C ARG A 434 -30.11 -1.30 -4.65
N ASP A 435 -30.54 -0.05 -4.52
CA ASP A 435 -31.93 0.30 -4.72
C ASP A 435 -32.35 -0.04 -6.14
N ASN A 436 -31.67 0.59 -7.09
CA ASN A 436 -32.00 0.42 -8.50
C ASN A 436 -32.05 -1.04 -8.94
N ALA A 437 -31.12 -1.84 -8.44
CA ALA A 437 -31.08 -3.27 -8.77
C ALA A 437 -32.27 -3.99 -8.12
N LEU A 438 -32.54 -3.63 -6.86
CA LEU A 438 -33.69 -4.20 -6.17
C LEU A 438 -35.00 -3.88 -6.88
N ALA A 439 -35.04 -2.74 -7.57
CA ALA A 439 -36.24 -2.29 -8.28
C ALA A 439 -36.51 -3.08 -9.56
N ARG A 440 -36.12 -4.36 -9.55
CA ARG A 440 -36.45 -5.30 -10.62
C ARG A 440 -36.12 -6.70 -10.13
N LEU A 441 -37.16 -7.45 -9.74
CA LEU A 441 -38.50 -6.88 -9.59
C LEU A 441 -39.07 -7.27 -8.24
O5' TMP D . 5.46 -12.91 -6.21
C5' TMP D . 6.33 -11.77 -6.18
C4' TMP D . 6.15 -10.83 -7.37
O4' TMP D . 4.76 -10.69 -7.74
C3' TMP D . 6.55 -9.40 -7.09
O3' TMP D . 6.68 -8.67 -8.31
C2' TMP D . 5.34 -8.93 -6.27
C1' TMP D . 4.22 -9.51 -7.13
N1 TMP D . 2.97 -9.95 -6.43
C2 TMP D . 1.91 -9.09 -6.23
O2 TMP D . 1.91 -7.92 -6.57
N3 TMP D . 0.83 -9.67 -5.58
C4 TMP D . 0.72 -10.98 -5.16
O4 TMP D . -0.28 -11.42 -4.59
C5 TMP D . 1.87 -11.82 -5.41
C5M TMP D . 1.90 -13.26 -5.01
C6 TMP D . 2.91 -11.27 -6.04
#